data_5MXW
#
_entry.id   5MXW
#
_cell.length_a   74.400
_cell.length_b   74.400
_cell.length_c   67.310
_cell.angle_alpha   90.000
_cell.angle_beta   90.000
_cell.angle_gamma   120.000
#
_symmetry.space_group_name_H-M   'P 65'
#
loop_
_entity.id
_entity.type
_entity.pdbx_description
1 polymer 'Class 10 plant pathogenesis-related protein'
2 non-polymer 'UNKNOWN LIGAND'
3 non-polymer 'SODIUM ION'
4 non-polymer N-[2-(5-methoxy-1H-indol-3-yl)ethyl]acetamide
5 non-polymer (2E)-2-methyl-4-(9H-purin-6-ylamino)but-2-en-1-ol
6 water water
#
_entity_poly.entity_id   1
_entity_poly.type   'polypeptide(L)'
_entity_poly.pdbx_seq_one_letter_code
;GVFTFQDEYTSTIAPAKLYKALVTDADIIIPKAVETIQSVEIVEGNGGPGTIKKLTFIEGGESKYVLHKIEAIDEANLGY
NYSIVGGVGLPDTIEKISFETKLVEGANGGSIGKVTIKIETKGDAQPNEEEGKAAKARGDAFFKAIESYLSAHPDY
;
_entity_poly.pdbx_strand_id   A
#
loop_
_chem_comp.id
_chem_comp.type
_chem_comp.name
_chem_comp.formula
ML1 non-polymer N-[2-(5-methoxy-1H-indol-3-yl)ethyl]acetamide 'C13 H16 N2 O2'
NA non-polymer 'SODIUM ION' 'Na 1'
UNL non-polymer 'UNKNOWN LIGAND' ?
ZEA non-polymer (2E)-2-methyl-4-(9H-purin-6-ylamino)but-2-en-1-ol 'C10 H13 N5 O'
#
# COMPACT_ATOMS: atom_id res chain seq x y z
N GLY A 1 -10.37 2.79 20.45
CA GLY A 1 -9.79 4.12 20.04
C GLY A 1 -9.64 4.28 18.53
N VAL A 2 -9.47 5.51 18.06
CA VAL A 2 -9.25 5.81 16.62
C VAL A 2 -8.04 6.73 16.48
N PHE A 3 -7.10 6.31 15.65
CA PHE A 3 -5.83 6.96 15.46
C PHE A 3 -5.55 7.14 14.00
N THR A 4 -5.02 8.30 13.62
CA THR A 4 -4.64 8.51 12.24
C THR A 4 -3.20 8.93 12.12
N PHE A 5 -2.61 8.58 10.97
CA PHE A 5 -1.27 8.83 10.65
C PHE A 5 -1.23 9.24 9.17
N GLN A 6 -0.25 10.10 8.85
CA GLN A 6 -0.03 10.54 7.47
C GLN A 6 1.43 10.37 7.07
N ASP A 7 1.59 10.06 5.80
CA ASP A 7 2.85 10.12 5.21
C ASP A 7 2.77 10.70 3.80
N GLU A 8 3.91 11.11 3.33
CA GLU A 8 4.06 11.79 2.04
C GLU A 8 5.35 11.32 1.39
N TYR A 9 5.30 11.12 0.07
CA TYR A 9 6.46 10.79 -0.70
C TYR A 9 6.49 11.71 -1.92
N THR A 10 7.69 12.08 -2.32
CA THR A 10 7.87 12.83 -3.54
C THR A 10 8.52 11.91 -4.58
N SER A 11 8.16 12.10 -5.84
CA SER A 11 8.90 11.54 -6.93
C SER A 11 9.05 12.53 -8.09
N THR A 12 10.08 12.28 -8.89
CA THR A 12 10.27 12.98 -10.15
C THR A 12 9.29 12.49 -11.20
N ILE A 13 8.72 11.31 -10.95
CA ILE A 13 7.83 10.63 -11.90
C ILE A 13 6.43 11.20 -11.84
N ALA A 14 5.81 11.18 -13.02
CA ALA A 14 4.52 11.81 -13.21
C ALA A 14 3.44 10.97 -12.52
N PRO A 15 2.39 11.64 -12.01
CA PRO A 15 1.47 10.91 -11.11
C PRO A 15 0.72 9.78 -11.80
N ALA A 16 0.26 10.00 -13.05
CA ALA A 16 -0.55 8.95 -13.70
C ALA A 16 0.29 7.67 -13.96
N LYS A 17 1.60 7.83 -14.23
CA LYS A 17 2.44 6.70 -14.51
C LYS A 17 2.73 5.92 -13.23
N LEU A 18 3.05 6.67 -12.15
CA LEU A 18 3.21 6.07 -10.83
C LEU A 18 1.93 5.30 -10.41
N TYR A 19 0.78 5.90 -10.63
CA TYR A 19 -0.48 5.28 -10.24
C TYR A 19 -0.70 3.98 -11.00
N LYS A 20 -0.34 3.98 -12.28
CA LYS A 20 -0.49 2.76 -13.11
C LYS A 20 0.38 1.64 -12.51
N ALA A 21 1.59 1.94 -12.07
CA ALA A 21 2.46 0.94 -11.53
C ALA A 21 1.95 0.45 -10.17
N LEU A 22 1.51 1.37 -9.34
CA LEU A 22 1.10 1.12 -7.93
C LEU A 22 -0.23 0.44 -7.77
N VAL A 23 -1.10 0.66 -8.74
CA VAL A 23 -2.48 0.26 -8.64
C VAL A 23 -2.92 -0.59 -9.81
N THR A 24 -3.01 0.01 -11.00
CA THR A 24 -3.56 -0.72 -12.12
C THR A 24 -2.80 -1.99 -12.42
N ASP A 25 -1.48 -1.89 -12.46
CA ASP A 25 -0.61 -3.03 -12.82
C ASP A 25 0.11 -3.50 -11.60
N ALA A 26 -0.46 -3.23 -10.43
CA ALA A 26 0.17 -3.68 -9.15
C ALA A 26 0.51 -5.18 -9.08
N ASP A 27 -0.36 -6.01 -9.62
CA ASP A 27 -0.16 -7.45 -9.53
C ASP A 27 1.06 -7.95 -10.26
N ILE A 28 1.45 -7.25 -11.33
CA ILE A 28 2.67 -7.54 -12.06
C ILE A 28 3.86 -6.78 -11.54
N ILE A 29 3.70 -5.47 -11.32
CA ILE A 29 4.81 -4.63 -11.01
C ILE A 29 5.31 -4.81 -9.56
N ILE A 30 4.42 -4.89 -8.57
CA ILE A 30 4.88 -4.88 -7.20
C ILE A 30 5.85 -6.08 -6.91
N PRO A 31 5.50 -7.30 -7.35
CA PRO A 31 6.47 -8.43 -7.02
C PRO A 31 7.78 -8.28 -7.80
N LYS A 32 7.71 -7.70 -8.99
CA LYS A 32 8.99 -7.38 -9.69
C LYS A 32 9.87 -6.33 -9.00
N ALA A 33 9.26 -5.24 -8.54
CA ALA A 33 9.95 -4.08 -8.00
C ALA A 33 10.39 -4.21 -6.55
N VAL A 34 9.55 -4.86 -5.76
CA VAL A 34 9.75 -4.89 -4.33
C VAL A 34 10.39 -6.25 -3.92
N GLU A 35 11.64 -6.19 -3.47
CA GLU A 35 12.44 -7.39 -3.23
C GLU A 35 11.97 -8.28 -2.10
N THR A 36 11.13 -7.77 -1.19
CA THR A 36 10.57 -8.54 -0.10
C THR A 36 9.16 -9.06 -0.38
N ILE A 37 8.60 -8.75 -1.52
CA ILE A 37 7.28 -9.23 -1.92
C ILE A 37 7.42 -10.25 -3.04
N GLN A 38 6.88 -11.45 -2.81
CA GLN A 38 6.95 -12.51 -3.82
C GLN A 38 5.85 -12.55 -4.82
N SER A 39 4.63 -12.27 -4.38
CA SER A 39 3.46 -12.35 -5.24
C SER A 39 2.36 -11.43 -4.73
N VAL A 40 1.54 -11.00 -5.65
CA VAL A 40 0.30 -10.23 -5.39
C VAL A 40 -0.77 -10.85 -6.27
N GLU A 41 -1.78 -11.48 -5.64
CA GLU A 41 -2.81 -12.31 -6.32
C GLU A 41 -4.23 -11.86 -5.94
N ILE A 42 -5.15 -11.98 -6.86
CA ILE A 42 -6.57 -11.79 -6.53
C ILE A 42 -7.11 -13.09 -5.96
N VAL A 43 -7.69 -12.98 -4.79
CA VAL A 43 -8.32 -14.11 -4.10
C VAL A 43 -9.78 -14.20 -4.57
N GLU A 44 -10.42 -13.05 -4.63
CA GLU A 44 -11.85 -12.97 -4.98
C GLU A 44 -12.16 -11.58 -5.52
N GLY A 45 -13.05 -11.48 -6.50
CA GLY A 45 -13.47 -10.20 -7.04
C GLY A 45 -12.91 -9.94 -8.44
N ASN A 46 -13.35 -8.84 -9.02
CA ASN A 46 -13.05 -8.51 -10.39
C ASN A 46 -12.05 -7.34 -10.53
N GLY A 47 -11.50 -6.87 -9.39
CA GLY A 47 -10.66 -5.70 -9.37
C GLY A 47 -11.30 -4.48 -8.72
N GLY A 48 -12.62 -4.44 -8.68
CA GLY A 48 -13.29 -3.26 -8.10
C GLY A 48 -13.46 -3.38 -6.58
N PRO A 49 -14.18 -2.42 -6.00
CA PRO A 49 -14.49 -2.48 -4.57
C PRO A 49 -15.00 -3.84 -4.08
N GLY A 50 -14.42 -4.32 -2.99
CA GLY A 50 -14.69 -5.66 -2.47
C GLY A 50 -13.67 -6.68 -2.80
N THR A 51 -12.88 -6.48 -3.86
CA THR A 51 -11.87 -7.39 -4.25
C THR A 51 -10.90 -7.62 -3.10
N ILE A 52 -10.54 -8.88 -2.92
CA ILE A 52 -9.56 -9.33 -1.90
C ILE A 52 -8.29 -9.78 -2.58
N LYS A 53 -7.16 -9.11 -2.22
CA LYS A 53 -5.86 -9.39 -2.72
C LYS A 53 -5.01 -10.02 -1.65
N LYS A 54 -4.19 -10.99 -2.06
CA LYS A 54 -3.26 -11.63 -1.12
C LYS A 54 -1.82 -11.27 -1.58
N LEU A 55 -1.13 -10.60 -0.66
CA LEU A 55 0.26 -10.17 -0.84
C LEU A 55 1.15 -11.09 0.00
N THR A 56 2.01 -11.87 -0.67
CA THR A 56 2.91 -12.80 -0.02
C THR A 56 4.32 -12.19 0.06
N PHE A 57 4.88 -12.19 1.24
CA PHE A 57 6.14 -11.54 1.51
C PHE A 57 6.99 -12.35 2.44
N ILE A 58 8.28 -11.92 2.58
CA ILE A 58 9.23 -12.58 3.44
C ILE A 58 9.60 -11.59 4.58
N GLU A 59 9.55 -12.10 5.80
CA GLU A 59 9.89 -11.26 6.94
C GLU A 59 10.55 -12.07 7.98
N GLY A 60 11.75 -11.63 8.38
CA GLY A 60 12.53 -12.40 9.35
C GLY A 60 12.83 -13.80 8.84
N GLY A 61 12.92 -13.93 7.52
CA GLY A 61 13.21 -15.16 6.85
C GLY A 61 12.08 -16.08 6.64
N GLU A 62 10.88 -15.70 7.09
CA GLU A 62 9.69 -16.55 7.00
C GLU A 62 8.71 -16.01 5.97
N SER A 63 8.09 -16.91 5.22
CA SER A 63 7.05 -16.60 4.26
C SER A 63 5.72 -16.34 4.97
N LYS A 64 5.14 -15.16 4.76
CA LYS A 64 3.88 -14.74 5.34
C LYS A 64 3.02 -14.12 4.25
N TYR A 65 1.78 -13.78 4.61
CA TYR A 65 0.95 -13.07 3.71
C TYR A 65 0.07 -12.09 4.52
N VAL A 66 -0.48 -11.17 3.78
CA VAL A 66 -1.52 -10.21 4.28
C VAL A 66 -2.59 -10.13 3.20
N LEU A 67 -3.85 -9.97 3.67
CA LEU A 67 -4.98 -9.78 2.73
C LEU A 67 -5.40 -8.31 2.74
N HIS A 68 -5.57 -7.72 1.56
CA HIS A 68 -6.11 -6.37 1.41
C HIS A 68 -7.47 -6.46 0.72
N LYS A 69 -8.43 -5.71 1.23
CA LYS A 69 -9.75 -5.51 0.64
C LYS A 69 -9.73 -4.13 -0.02
N ILE A 70 -10.01 -4.13 -1.30
CA ILE A 70 -10.17 -2.83 -2.03
C ILE A 70 -11.46 -2.17 -1.60
N GLU A 71 -11.35 -0.93 -1.16
N GLU A 71 -11.35 -0.94 -1.13
CA GLU A 71 -12.51 -0.15 -0.76
CA GLU A 71 -12.50 -0.14 -0.71
C GLU A 71 -12.96 0.91 -1.75
C GLU A 71 -12.95 0.88 -1.76
N ALA A 72 -12.00 1.51 -2.45
CA ALA A 72 -12.32 2.50 -3.51
C ALA A 72 -11.13 2.56 -4.44
N ILE A 73 -11.46 2.65 -5.74
CA ILE A 73 -10.47 2.77 -6.72
C ILE A 73 -10.99 3.75 -7.78
N ASP A 74 -10.26 4.86 -7.88
CA ASP A 74 -10.70 6.01 -8.71
C ASP A 74 -9.53 6.49 -9.52
N GLU A 75 -9.33 5.87 -10.69
CA GLU A 75 -8.20 6.21 -11.53
C GLU A 75 -8.26 7.68 -12.03
N ALA A 76 -9.47 8.14 -12.30
CA ALA A 76 -9.65 9.54 -12.78
C ALA A 76 -8.96 10.55 -11.85
N ASN A 77 -9.08 10.29 -10.55
CA ASN A 77 -8.56 11.19 -9.53
C ASN A 77 -7.33 10.59 -8.81
N LEU A 78 -6.78 9.50 -9.36
CA LEU A 78 -5.55 8.84 -8.87
C LEU A 78 -5.67 8.43 -7.37
N GLY A 79 -6.83 7.90 -7.03
CA GLY A 79 -7.15 7.53 -5.66
C GLY A 79 -7.26 6.03 -5.49
N TYR A 80 -6.85 5.55 -4.31
CA TYR A 80 -6.94 4.11 -4.04
C TYR A 80 -7.01 3.89 -2.52
N ASN A 81 -8.10 3.27 -2.10
CA ASN A 81 -8.34 3.02 -0.69
C ASN A 81 -8.50 1.55 -0.45
N TYR A 82 -7.92 1.04 0.68
CA TYR A 82 -7.99 -0.38 0.98
C TYR A 82 -7.85 -0.60 2.48
N SER A 83 -8.21 -1.77 2.95
N SER A 83 -8.35 -1.72 2.98
CA SER A 83 -8.01 -2.12 4.34
CA SER A 83 -8.08 -2.18 4.35
C SER A 83 -7.39 -3.50 4.46
C SER A 83 -7.29 -3.48 4.42
N ILE A 84 -6.74 -3.77 5.59
CA ILE A 84 -6.08 -5.01 5.84
C ILE A 84 -7.12 -5.93 6.53
N VAL A 85 -7.45 -7.07 5.95
CA VAL A 85 -8.56 -7.96 6.41
C VAL A 85 -8.07 -9.33 6.83
N GLY A 86 -6.78 -9.55 6.85
CA GLY A 86 -6.26 -10.81 7.35
C GLY A 86 -4.80 -11.03 7.07
N GLY A 87 -4.30 -12.03 7.70
CA GLY A 87 -2.96 -12.55 7.37
C GLY A 87 -2.46 -13.41 8.50
N VAL A 88 -1.16 -13.45 8.59
CA VAL A 88 -0.50 -14.42 9.42
C VAL A 88 -0.22 -13.79 10.78
N GLY A 89 -0.44 -14.57 11.81
CA GLY A 89 -0.31 -14.12 13.20
C GLY A 89 -1.58 -13.45 13.71
N LEU A 90 -1.36 -12.51 14.65
CA LEU A 90 -2.39 -11.66 15.28
C LEU A 90 -1.83 -10.24 15.46
N ASP A 92 -3.91 -7.80 16.83
CA ASP A 92 -4.50 -8.45 18.02
C ASP A 92 -5.31 -7.42 18.87
N THR A 93 -4.66 -6.37 19.36
CA THR A 93 -5.33 -5.14 19.85
C THR A 93 -6.01 -4.27 18.74
N ILE A 94 -5.58 -4.52 17.51
CA ILE A 94 -5.94 -3.71 16.35
C ILE A 94 -7.17 -4.32 15.71
N GLU A 95 -8.27 -3.58 15.78
CA GLU A 95 -9.54 -4.02 15.21
C GLU A 95 -9.48 -3.84 13.71
N LYS A 96 -8.87 -2.73 13.26
CA LYS A 96 -8.93 -2.39 11.89
C LYS A 96 -7.84 -1.41 11.46
N ILE A 97 -7.27 -1.63 10.30
N ILE A 97 -7.14 -1.69 10.36
CA ILE A 97 -6.35 -0.66 9.70
CA ILE A 97 -6.22 -0.70 9.69
C ILE A 97 -6.66 -0.44 8.22
C ILE A 97 -6.73 -0.48 8.29
N SER A 98 -6.92 0.81 7.94
CA SER A 98 -7.41 1.23 6.64
C SER A 98 -6.42 2.25 6.09
N PHE A 99 -6.36 2.37 4.76
CA PHE A 99 -5.49 3.28 4.05
C PHE A 99 -6.25 3.99 2.98
N GLU A 100 -5.97 5.29 2.89
CA GLU A 100 -6.46 6.22 1.81
C GLU A 100 -5.26 6.75 1.14
N THR A 101 -5.13 6.57 -0.17
CA THR A 101 -3.96 7.00 -0.93
C THR A 101 -4.38 7.82 -2.15
N LYS A 102 -3.55 8.83 -2.42
CA LYS A 102 -3.73 9.68 -3.59
C LYS A 102 -2.38 10.06 -4.15
N LEU A 103 -2.34 10.28 -5.46
CA LEU A 103 -1.21 10.90 -6.10
C LEU A 103 -1.64 12.24 -6.70
N VAL A 104 -0.86 13.27 -6.47
CA VAL A 104 -1.06 14.60 -7.06
C VAL A 104 0.17 15.15 -7.79
N GLU A 105 -0.05 16.18 -8.62
CA GLU A 105 1.06 16.84 -9.32
C GLU A 105 2.04 17.50 -8.35
N GLY A 106 3.31 17.12 -8.51
CA GLY A 106 4.42 17.60 -7.70
C GLY A 106 5.30 18.53 -8.51
N ALA A 107 6.63 18.33 -8.43
CA ALA A 107 7.60 19.31 -8.98
C ALA A 107 8.58 18.73 -10.05
N ASN A 108 8.83 19.51 -11.12
CA ASN A 108 7.84 20.40 -11.72
C ASN A 108 6.67 19.54 -12.24
N GLY A 109 7.02 18.52 -13.02
CA GLY A 109 6.05 17.53 -13.55
C GLY A 109 6.05 16.20 -12.80
N GLY A 110 6.59 16.23 -11.58
CA GLY A 110 6.66 15.03 -10.76
C GLY A 110 5.42 14.88 -9.94
N SER A 111 5.57 14.11 -8.86
CA SER A 111 4.42 13.67 -8.07
C SER A 111 4.56 13.98 -6.59
N ILE A 112 3.45 13.90 -5.89
CA ILE A 112 3.50 13.65 -4.45
C ILE A 112 2.46 12.56 -4.18
N GLY A 113 2.91 11.49 -3.53
CA GLY A 113 2.07 10.41 -3.01
C GLY A 113 1.69 10.60 -1.54
N LYS A 114 0.39 10.63 -1.29
CA LYS A 114 -0.11 10.90 0.05
C LYS A 114 -0.83 9.68 0.63
N VAL A 115 -0.52 9.27 1.85
CA VAL A 115 -1.17 8.09 2.43
C VAL A 115 -1.67 8.54 3.80
N THR A 116 -2.94 8.31 4.02
CA THR A 116 -3.57 8.42 5.36
C THR A 116 -3.88 7.02 5.85
N ILE A 117 -3.45 6.74 7.09
CA ILE A 117 -3.61 5.47 7.74
C ILE A 117 -4.50 5.68 8.94
N LYS A 118 -5.59 4.92 8.99
CA LYS A 118 -6.51 5.00 10.12
C LYS A 118 -6.46 3.65 10.85
N ILE A 119 -6.27 3.69 12.18
CA ILE A 119 -6.18 2.53 13.01
C ILE A 119 -7.25 2.59 14.08
N GLU A 120 -8.10 1.57 14.14
CA GLU A 120 -9.10 1.44 15.18
C GLU A 120 -8.63 0.33 16.14
N THR A 121 -8.67 0.62 17.45
CA THR A 121 -8.22 -0.29 18.48
C THR A 121 -9.38 -0.66 19.41
N LYS A 122 -9.20 -1.72 20.19
CA LYS A 122 -10.12 -2.02 21.32
C LYS A 122 -9.91 -1.10 22.50
N GLY A 123 -10.96 -0.36 22.84
CA GLY A 123 -10.99 0.36 24.09
C GLY A 123 -9.99 1.49 24.02
N ASP A 124 -9.16 1.60 25.05
CA ASP A 124 -8.15 2.63 25.10
C ASP A 124 -6.74 2.05 24.82
N ALA A 125 -6.69 0.89 24.17
CA ALA A 125 -5.44 0.37 23.63
C ALA A 125 -4.87 1.35 22.61
N GLN A 126 -3.54 1.44 22.58
CA GLN A 126 -2.83 2.34 21.66
C GLN A 126 -2.14 1.55 20.59
N PRO A 127 -1.96 2.16 19.42
CA PRO A 127 -1.21 1.42 18.39
C PRO A 127 0.24 1.22 18.84
N ASN A 128 0.80 0.07 18.53
CA ASN A 128 2.16 -0.30 18.95
C ASN A 128 3.18 0.51 18.13
N GLU A 129 4.10 1.16 18.83
CA GLU A 129 5.00 2.14 18.22
C GLU A 129 6.05 1.43 17.35
N GLU A 130 6.63 0.35 17.87
CA GLU A 130 7.62 -0.40 17.07
C GLU A 130 6.99 -0.90 15.76
N GLU A 131 5.80 -1.45 15.84
CA GLU A 131 5.15 -1.92 14.64
C GLU A 131 4.88 -0.76 13.65
N GLY A 132 4.47 0.43 14.16
CA GLY A 132 4.29 1.58 13.31
C GLY A 132 5.56 2.08 12.63
N LYS A 133 6.65 2.11 13.39
CA LYS A 133 7.95 2.43 12.83
C LYS A 133 8.32 1.47 11.69
N ALA A 134 8.08 0.18 11.93
CA ALA A 134 8.43 -0.85 10.89
C ALA A 134 7.58 -0.70 9.64
N ALA A 135 6.29 -0.43 9.85
CA ALA A 135 5.39 -0.18 8.74
C ALA A 135 5.71 1.04 7.94
N LYS A 136 6.06 2.12 8.66
CA LYS A 136 6.46 3.31 8.00
C LYS A 136 7.70 3.07 7.14
N ALA A 137 8.69 2.36 7.69
CA ALA A 137 9.89 2.07 6.97
C ALA A 137 9.60 1.24 5.76
N ARG A 138 8.67 0.30 5.90
CA ARG A 138 8.27 -0.55 4.75
C ARG A 138 7.65 0.27 3.66
N GLY A 139 6.78 1.21 4.03
CA GLY A 139 6.15 2.15 3.08
C GLY A 139 7.19 2.92 2.30
N ASP A 140 8.14 3.50 3.01
CA ASP A 140 9.22 4.26 2.37
C ASP A 140 9.99 3.38 1.39
N ALA A 141 10.33 2.16 1.79
CA ALA A 141 11.14 1.27 0.97
C ALA A 141 10.32 0.84 -0.26
N PHE A 142 9.02 0.62 -0.02
CA PHE A 142 8.09 0.25 -1.10
C PHE A 142 8.08 1.33 -2.20
N PHE A 143 7.85 2.57 -1.79
CA PHE A 143 7.69 3.64 -2.75
C PHE A 143 9.02 3.83 -3.49
N LYS A 144 10.13 3.80 -2.76
CA LYS A 144 11.47 3.83 -3.34
C LYS A 144 11.76 2.72 -4.35
N ALA A 145 11.37 1.48 -4.03
CA ALA A 145 11.56 0.37 -4.95
C ALA A 145 10.76 0.50 -6.26
N ILE A 146 9.52 0.94 -6.15
CA ILE A 146 8.72 1.17 -7.34
C ILE A 146 9.42 2.24 -8.21
N GLU A 147 9.80 3.36 -7.59
CA GLU A 147 10.45 4.48 -8.34
C GLU A 147 11.70 4.00 -9.06
N SER A 148 12.51 3.23 -8.35
CA SER A 148 13.74 2.70 -8.89
C SER A 148 13.44 1.81 -10.09
N TYR A 149 12.45 0.94 -9.95
CA TYR A 149 12.10 -0.02 -11.00
C TYR A 149 11.59 0.70 -12.23
N LEU A 150 10.76 1.72 -11.99
CA LEU A 150 10.20 2.49 -13.10
C LEU A 150 11.30 3.26 -13.82
N SER A 151 12.23 3.85 -13.07
CA SER A 151 13.36 4.54 -13.69
C SER A 151 14.16 3.60 -14.59
N ALA A 152 14.27 2.33 -14.21
CA ALA A 152 15.06 1.36 -14.95
C ALA A 152 14.29 0.65 -16.07
N HIS A 153 13.00 0.99 -16.23
CA HIS A 153 12.08 0.26 -17.12
C HIS A 153 10.95 1.16 -17.67
N PRO A 154 11.30 2.36 -18.16
CA PRO A 154 10.24 3.37 -18.40
C PRO A 154 9.02 2.87 -19.24
N ASP A 155 9.30 2.16 -20.33
CA ASP A 155 8.28 1.87 -21.31
C ASP A 155 7.83 0.41 -21.21
N TYR A 156 7.45 -0.03 -20.01
CA TYR A 156 7.11 -1.46 -19.79
C TYR A 156 5.77 -1.91 -20.39
O UNL B . 1.03 1.31 14.04
O UNL C . 0.73 -0.24 11.63
O UNL D . 1.25 3.47 13.33
O UNL E . 0.93 1.79 12.04
O UNL F . 1.43 3.79 11.06
O UNL G . 0.88 1.67 9.81
O UNL H . 2.56 5.02 9.78
O UNL I . 2.05 2.41 6.65
O UNL J . 2.68 4.06 8.10
O UNL K . 3.27 5.98 7.83
O UNL L . 3.46 7.13 9.56
O UNL M . 3.41 8.96 10.89
O UNL N . 4.65 7.83 11.86
O UNL O . 4.45 6.47 13.36
O UNL P . 6.49 6.02 13.25
O UNL Q . 3.16 3.97 5.67
NA NA R . 9.78 -9.29 -5.33
C1 ML1 S . -0.97 1.04 -2.31
C2 ML1 S . -1.16 3.93 -4.30
C3 ML1 S . 3.91 3.82 -0.10
C4 ML1 S . -0.18 -1.21 -1.63
C5 ML1 S . -0.09 -2.65 -1.96
C6 ML1 S . -0.17 1.66 -3.34
C8 ML1 S . 0.48 4.11 -2.83
C9 ML1 S . 1.55 3.91 -1.88
C12 ML1 S . 0.72 6.55 -2.82
C13 ML1 S . 0.10 5.39 -3.24
C7 ML1 S . -0.35 3.14 -3.46
C10 ML1 S . 2.15 5.03 -1.45
C11 ML1 S . 1.73 6.31 -1.91
N1 ML1 S . -0.75 -0.42 -2.52
N2 ML1 S . -0.87 5.23 -4.11
O1 ML1 S . 3.21 4.98 -0.55
O2 ML1 S . 0.38 -0.76 -0.61
O16 ZEA T . 5.47 -2.91 1.89
C14 ZEA T . 4.35 -1.98 1.81
C13 ZEA T . 3.15 -2.87 1.54
C15 ZEA T . 1.86 -2.48 0.89
C12 ZEA T . 3.44 -4.08 1.95
C11 ZEA T . 2.54 -5.26 1.93
N10 ZEA T . 2.77 -5.77 3.29
C6 ZEA T . 3.97 -6.19 3.69
C5 ZEA T . 4.16 -6.55 5.12
N9 ZEA T . 3.40 -6.54 6.26
C4 ZEA T . 5.42 -6.98 5.52
N7 ZEA T . 5.51 -7.26 6.83
C8 ZEA T . 4.24 -6.96 7.28
N3 ZEA T . 6.45 -7.04 4.58
C2 ZEA T . 6.24 -6.72 3.28
N1 ZEA T . 5.02 -6.34 2.80
#